data_4BMW
#
_entry.id   4BMW
#
_cell.length_a   77.390
_cell.length_b   77.390
_cell.length_c   79.860
_cell.angle_alpha   90.00
_cell.angle_beta   90.00
_cell.angle_gamma   90.00
#
_symmetry.space_group_name_H-M   'I 4 2 2'
#
loop_
_entity.id
_entity.type
_entity.pdbx_description
1 polymer 'EXTRACELLULAR HAEM-BINDING PROTEIN'
2 water water
#
_entity_poly.entity_id   1
_entity_poly.type   'polypeptide(L)'
_entity_poly.pdbx_seq_one_letter_code
;GAMADTTEATPAAAPVAARGGELTQSTHLTLEAATKAARAAVEAAEKDGRHVSVAVVDRNGNTLVTLRGDGAGPQSYDSA
DRKAFTAVSWNAPTSELAKRLAQAPTLKDIPGTLFLAGGTPVTAKGAPVAGIGVAGAPSGDLDEQYARAGAAVLGH
;
_entity_poly.pdbx_strand_id   A
#
# COMPACT_ATOMS: atom_id res chain seq x y z
N PRO A 11 14.28 2.08 41.42
CA PRO A 11 13.69 2.42 42.72
C PRO A 11 12.34 3.11 42.58
N ALA A 12 11.97 3.45 41.35
CA ALA A 12 10.92 4.43 41.12
C ALA A 12 9.98 4.04 39.98
N ALA A 13 8.78 4.62 40.01
CA ALA A 13 7.67 4.19 39.17
C ALA A 13 6.47 5.05 39.58
N ALA A 14 5.33 5.02 38.88
CA ALA A 14 5.04 4.17 37.72
C ALA A 14 4.30 5.05 36.69
N PRO A 15 3.85 4.48 35.55
CA PRO A 15 3.40 5.35 34.45
C PRO A 15 1.94 5.79 34.51
N VAL A 16 1.63 6.93 33.87
CA VAL A 16 0.28 7.51 33.88
C VAL A 16 -0.66 6.84 32.89
N ALA A 17 -1.93 6.75 33.29
CA ALA A 17 -2.98 6.19 32.45
C ALA A 17 -3.93 7.28 31.97
N ALA A 18 -4.00 7.47 30.66
CA ALA A 18 -4.90 8.46 30.07
C ALA A 18 -6.30 7.86 29.95
N ARG A 19 -7.30 8.72 29.79
CA ARG A 19 -8.67 8.24 29.60
C ARG A 19 -9.61 9.33 29.06
N GLY A 20 -10.85 8.92 28.80
CA GLY A 20 -11.88 9.85 28.35
C GLY A 20 -11.62 10.42 26.98
N GLY A 21 -11.87 11.73 26.84
CA GLY A 21 -11.70 12.40 25.57
C GLY A 21 -10.26 12.72 25.26
N GLU A 22 -9.34 12.23 26.09
CA GLU A 22 -7.92 12.34 25.81
C GLU A 22 -7.50 11.23 24.84
N LEU A 23 -8.42 10.30 24.59
CA LEU A 23 -8.15 9.15 23.74
C LEU A 23 -9.07 9.09 22.52
N THR A 24 -8.55 8.52 21.44
CA THR A 24 -9.33 8.23 20.26
C THR A 24 -8.84 6.90 19.68
N GLN A 25 -9.68 6.27 18.86
CA GLN A 25 -9.33 4.99 18.26
C GLN A 25 -9.15 5.13 16.75
N SER A 26 -8.28 4.29 16.20
CA SER A 26 -8.03 4.23 14.77
C SER A 26 -8.26 2.79 14.31
N THR A 27 -8.44 2.62 13.00
CA THR A 27 -8.77 1.31 12.44
C THR A 27 -7.69 0.87 11.47
N HIS A 28 -7.44 -0.44 11.43
CA HIS A 28 -6.37 -1.00 10.60
C HIS A 28 -6.76 -2.36 10.07
N LEU A 29 -6.10 -2.78 9.00
CA LEU A 29 -6.13 -4.18 8.60
C LEU A 29 -5.36 -4.98 9.62
N THR A 30 -5.79 -6.22 9.86
CA THR A 30 -4.99 -7.15 10.64
C THR A 30 -3.80 -7.55 9.79
N LEU A 31 -2.74 -8.03 10.45
CA LEU A 31 -1.58 -8.54 9.73
C LEU A 31 -2.00 -9.71 8.85
N GLU A 32 -2.95 -10.49 9.33
N GLU A 32 -2.95 -10.49 9.33
CA GLU A 32 -3.41 -11.67 8.61
CA GLU A 32 -3.42 -11.66 8.61
C GLU A 32 -4.11 -11.26 7.31
C GLU A 32 -4.11 -11.26 7.31
N ALA A 33 -4.91 -10.20 7.39
CA ALA A 33 -5.61 -9.70 6.21
C ALA A 33 -4.63 -9.07 5.22
N ALA A 34 -3.70 -8.28 5.74
CA ALA A 34 -2.69 -7.63 4.92
C ALA A 34 -1.83 -8.67 4.21
N THR A 35 -1.51 -9.75 4.93
CA THR A 35 -0.72 -10.83 4.37
C THR A 35 -1.51 -11.54 3.27
N LYS A 36 -2.78 -11.81 3.57
CA LYS A 36 -3.68 -12.47 2.62
C LYS A 36 -3.75 -11.68 1.32
N ALA A 37 -3.86 -10.36 1.45
CA ALA A 37 -3.95 -9.49 0.28
C ALA A 37 -2.65 -9.47 -0.52
N ALA A 38 -1.52 -9.31 0.17
CA ALA A 38 -0.23 -9.25 -0.49
C ALA A 38 0.07 -10.55 -1.22
N ARG A 39 -0.24 -11.68 -0.58
CA ARG A 39 -0.03 -12.98 -1.20
C ARG A 39 -0.91 -13.18 -2.43
N ALA A 40 -2.09 -12.58 -2.41
CA ALA A 40 -3.02 -12.69 -3.53
C ALA A 40 -2.49 -11.93 -4.75
N ALA A 41 -1.80 -10.83 -4.49
CA ALA A 41 -1.20 -10.03 -5.56
C ALA A 41 -0.07 -10.82 -6.24
N VAL A 42 0.81 -11.41 -5.44
CA VAL A 42 1.91 -12.20 -5.96
C VAL A 42 1.38 -13.35 -6.82
N GLU A 43 0.40 -14.06 -6.28
CA GLU A 43 -0.17 -15.23 -6.95
C GLU A 43 -0.74 -14.85 -8.31
N ALA A 44 -1.35 -13.68 -8.40
CA ALA A 44 -1.94 -13.23 -9.65
C ALA A 44 -0.85 -12.86 -10.64
N ALA A 45 0.24 -12.31 -10.13
CA ALA A 45 1.38 -11.96 -10.96
C ALA A 45 2.13 -13.21 -11.42
N GLU A 46 2.35 -14.12 -10.47
CA GLU A 46 3.05 -15.38 -10.77
C GLU A 46 2.32 -16.18 -11.83
N LYS A 47 0.99 -16.11 -11.79
CA LYS A 47 0.15 -16.81 -12.74
C LYS A 47 0.38 -16.29 -14.14
N ASP A 48 0.48 -14.97 -14.27
CA ASP A 48 0.70 -14.32 -15.56
C ASP A 48 2.17 -14.28 -15.94
N GLY A 49 3.01 -14.96 -15.15
CA GLY A 49 4.42 -15.05 -15.45
C GLY A 49 5.21 -13.81 -15.09
N ARG A 50 4.63 -12.94 -14.27
CA ARG A 50 5.30 -11.71 -13.85
C ARG A 50 6.04 -11.90 -12.53
N HIS A 51 7.07 -11.09 -12.35
CA HIS A 51 7.92 -11.14 -11.16
C HIS A 51 7.88 -9.78 -10.48
N VAL A 52 7.26 -9.74 -9.31
CA VAL A 52 6.97 -8.47 -8.65
C VAL A 52 7.25 -8.50 -7.16
N SER A 53 7.45 -7.31 -6.59
CA SER A 53 7.48 -7.12 -5.16
C SER A 53 6.16 -6.48 -4.73
N VAL A 54 5.69 -6.83 -3.54
CA VAL A 54 4.41 -6.33 -3.05
C VAL A 54 4.58 -5.76 -1.66
N ALA A 55 3.83 -4.70 -1.37
CA ALA A 55 3.87 -4.05 -0.07
C ALA A 55 2.50 -3.59 0.36
N VAL A 56 2.22 -3.74 1.66
CA VAL A 56 1.01 -3.21 2.27
C VAL A 56 1.43 -2.21 3.35
N VAL A 57 0.99 -0.96 3.19
CA VAL A 57 1.36 0.10 4.11
C VAL A 57 0.11 0.63 4.81
N ASP A 58 0.20 0.76 6.12
CA ASP A 58 -0.90 1.25 6.94
C ASP A 58 -1.09 2.74 6.74
N ARG A 59 -2.31 3.21 6.98
CA ARG A 59 -2.63 4.63 6.89
C ARG A 59 -1.74 5.46 7.82
N ASN A 60 -1.18 4.83 8.85
CA ASN A 60 -0.31 5.54 9.78
C ASN A 60 1.10 5.71 9.24
N GLY A 61 1.37 5.11 8.09
CA GLY A 61 2.65 5.24 7.42
C GLY A 61 3.53 4.01 7.54
N ASN A 62 3.19 3.12 8.48
CA ASN A 62 4.00 1.94 8.72
C ASN A 62 3.75 0.83 7.72
N THR A 63 4.83 0.23 7.24
CA THR A 63 4.74 -0.92 6.34
C THR A 63 4.41 -2.15 7.17
N LEU A 64 3.36 -2.86 6.77
CA LEU A 64 2.85 -4.00 7.52
C LEU A 64 3.35 -5.31 6.93
N VAL A 65 3.45 -5.34 5.61
CA VAL A 65 3.85 -6.54 4.89
C VAL A 65 4.67 -6.16 3.68
N THR A 66 5.74 -6.92 3.43
CA THR A 66 6.42 -6.86 2.15
C THR A 66 6.76 -8.27 1.69
N LEU A 67 6.69 -8.47 0.38
CA LEU A 67 7.03 -9.74 -0.23
C LEU A 67 7.82 -9.46 -1.51
N ARG A 68 9.05 -9.97 -1.57
CA ARG A 68 9.87 -9.82 -2.77
C ARG A 68 9.77 -11.08 -3.63
N GLY A 69 9.13 -10.94 -4.78
CA GLY A 69 8.95 -12.05 -5.69
C GLY A 69 10.26 -12.61 -6.21
N ASP A 70 10.23 -13.88 -6.56
CA ASP A 70 11.37 -14.53 -7.18
C ASP A 70 11.59 -13.94 -8.56
N GLY A 71 12.81 -13.47 -8.82
CA GLY A 71 13.14 -12.91 -10.11
C GLY A 71 12.76 -11.45 -10.25
N ALA A 72 12.19 -10.87 -9.20
CA ALA A 72 11.78 -9.48 -9.22
C ALA A 72 13.00 -8.57 -9.35
N GLY A 73 12.80 -7.42 -9.96
CA GLY A 73 13.86 -6.45 -10.12
C GLY A 73 14.25 -5.85 -8.78
N PRO A 74 15.52 -5.43 -8.63
CA PRO A 74 16.00 -4.95 -7.34
C PRO A 74 15.41 -3.60 -6.96
N GLN A 75 14.72 -2.96 -7.91
CA GLN A 75 14.09 -1.67 -7.66
C GLN A 75 12.63 -1.83 -7.20
N SER A 76 12.07 -3.00 -7.43
CA SER A 76 10.64 -3.23 -7.20
C SER A 76 10.21 -3.18 -5.73
N TYR A 77 11.11 -3.59 -4.82
CA TYR A 77 10.78 -3.66 -3.40
C TYR A 77 10.43 -2.29 -2.83
N ASP A 78 11.34 -1.33 -2.95
CA ASP A 78 11.12 0.01 -2.41
C ASP A 78 10.02 0.75 -3.17
N SER A 79 9.90 0.46 -4.47
N SER A 79 9.89 0.47 -4.47
CA SER A 79 8.89 1.09 -5.30
CA SER A 79 8.87 1.11 -5.29
C SER A 79 7.48 0.71 -4.83
C SER A 79 7.48 0.71 -4.81
N ALA A 80 7.28 -0.59 -4.58
CA ALA A 80 6.00 -1.08 -4.10
C ALA A 80 5.65 -0.45 -2.77
N ASP A 81 6.67 -0.25 -1.93
CA ASP A 81 6.47 0.34 -0.63
C ASP A 81 5.99 1.79 -0.76
N ARG A 82 6.70 2.56 -1.58
CA ARG A 82 6.36 3.97 -1.78
C ARG A 82 5.01 4.13 -2.48
N LYS A 83 4.65 3.16 -3.32
CA LYS A 83 3.37 3.20 -4.02
C LYS A 83 2.20 3.00 -3.07
N ALA A 84 2.36 2.06 -2.14
CA ALA A 84 1.34 1.78 -1.16
C ALA A 84 1.17 2.97 -0.22
N PHE A 85 2.30 3.55 0.17
CA PHE A 85 2.34 4.74 1.01
C PHE A 85 1.61 5.90 0.35
N THR A 86 1.82 6.04 -0.96
CA THR A 86 1.23 7.13 -1.73
C THR A 86 -0.26 6.93 -1.88
N ALA A 87 -0.69 5.69 -2.12
CA ALA A 87 -2.09 5.39 -2.32
C ALA A 87 -2.93 5.59 -1.06
N VAL A 88 -2.37 5.23 0.08
CA VAL A 88 -3.10 5.33 1.35
C VAL A 88 -3.07 6.76 1.88
N SER A 89 -2.10 7.55 1.45
CA SER A 89 -1.97 8.93 1.88
C SER A 89 -3.06 9.82 1.27
N TRP A 90 -3.38 9.56 0.01
CA TRP A 90 -4.36 10.36 -0.73
C TRP A 90 -5.64 9.58 -0.98
N ASN A 91 -5.69 8.34 -0.50
CA ASN A 91 -6.84 7.46 -0.70
C ASN A 91 -7.26 7.39 -2.17
N ALA A 92 -6.30 7.05 -3.02
CA ALA A 92 -6.56 6.96 -4.46
C ALA A 92 -5.51 6.10 -5.14
N PRO A 93 -5.87 5.50 -6.28
CA PRO A 93 -4.87 4.75 -7.06
C PRO A 93 -3.73 5.65 -7.49
N THR A 94 -2.51 5.14 -7.46
CA THR A 94 -1.35 5.92 -7.86
C THR A 94 -1.38 6.22 -9.36
N SER A 95 -2.20 5.47 -10.10
CA SER A 95 -2.40 5.74 -11.52
C SER A 95 -3.09 7.07 -11.70
N GLU A 96 -4.07 7.33 -10.83
N GLU A 96 -4.07 7.35 -10.83
CA GLU A 96 -4.84 8.56 -10.84
CA GLU A 96 -4.81 8.60 -10.91
C GLU A 96 -3.98 9.71 -10.32
C GLU A 96 -4.02 9.76 -10.29
N LEU A 97 -3.30 9.46 -9.21
CA LEU A 97 -2.49 10.49 -8.55
C LEU A 97 -1.37 10.99 -9.46
N ALA A 98 -0.89 10.12 -10.34
CA ALA A 98 0.19 10.49 -11.26
C ALA A 98 -0.26 11.57 -12.24
N LYS A 99 -1.57 11.68 -12.45
CA LYS A 99 -2.12 12.59 -13.44
C LYS A 99 -2.42 13.98 -12.86
N ARG A 100 -2.41 14.08 -11.54
CA ARG A 100 -2.56 15.37 -10.87
C ARG A 100 -1.29 16.21 -11.03
N LEU A 101 -0.19 15.55 -11.38
CA LEU A 101 1.10 16.21 -11.50
C LEU A 101 1.13 17.23 -12.63
N ALA A 102 0.15 17.14 -13.53
CA ALA A 102 0.04 18.10 -14.62
C ALA A 102 -0.22 19.50 -14.08
N GLN A 103 -1.11 19.57 -13.10
CA GLN A 103 -1.50 20.85 -12.48
C GLN A 103 -0.82 21.05 -11.13
N ALA A 104 -0.42 19.94 -10.50
CA ALA A 104 0.25 19.98 -9.21
C ALA A 104 1.53 19.15 -9.27
N PRO A 105 2.53 19.62 -10.03
CA PRO A 105 3.70 18.79 -10.32
C PRO A 105 4.64 18.61 -9.13
N THR A 106 4.52 19.45 -8.11
CA THR A 106 5.43 19.37 -6.96
C THR A 106 4.94 18.39 -5.89
N LEU A 107 3.83 17.72 -6.16
CA LEU A 107 3.33 16.68 -5.25
C LEU A 107 4.35 15.56 -5.12
N LYS A 108 5.05 15.26 -6.21
CA LYS A 108 6.07 14.20 -6.22
C LYS A 108 7.25 14.53 -5.33
N ASP A 109 7.38 15.81 -4.94
CA ASP A 109 8.48 16.24 -4.10
C ASP A 109 8.20 15.95 -2.62
N ILE A 110 7.00 15.46 -2.34
CA ILE A 110 6.65 15.04 -1.00
C ILE A 110 7.45 13.78 -0.66
N PRO A 111 8.11 13.77 0.52
CA PRO A 111 8.92 12.60 0.87
C PRO A 111 8.13 11.30 0.95
N GLY A 112 8.76 10.20 0.57
CA GLY A 112 8.17 8.88 0.73
C GLY A 112 7.21 8.47 -0.37
N THR A 113 7.03 9.33 -1.37
CA THR A 113 6.02 9.10 -2.40
C THR A 113 6.61 8.65 -3.73
N LEU A 114 5.78 7.97 -4.50
CA LEU A 114 6.11 7.57 -5.87
C LEU A 114 4.83 7.60 -6.68
N PHE A 115 4.63 8.67 -7.44
CA PHE A 115 3.40 8.88 -8.18
C PHE A 115 3.43 8.11 -9.49
N LEU A 116 3.26 6.79 -9.36
CA LEU A 116 3.38 5.87 -10.48
C LEU A 116 2.43 4.71 -10.23
N ALA A 117 1.70 4.32 -11.27
CA ALA A 117 0.71 3.26 -11.17
C ALA A 117 1.28 2.01 -10.52
N GLY A 118 0.47 1.37 -9.68
CA GLY A 118 0.86 0.15 -9.00
C GLY A 118 0.35 0.10 -7.56
N GLY A 119 -0.14 1.23 -7.07
CA GLY A 119 -0.65 1.34 -5.71
C GLY A 119 -2.12 1.66 -5.68
N THR A 120 -2.87 0.97 -4.82
CA THR A 120 -4.30 1.20 -4.69
C THR A 120 -4.71 1.11 -3.21
N PRO A 121 -5.66 1.96 -2.79
CA PRO A 121 -6.05 2.01 -1.38
C PRO A 121 -7.10 0.97 -0.96
N VAL A 122 -7.13 0.70 0.34
CA VAL A 122 -8.16 -0.12 0.96
C VAL A 122 -8.78 0.69 2.08
N THR A 123 -10.10 0.63 2.22
CA THR A 123 -10.81 1.48 3.16
C THR A 123 -11.55 0.69 4.24
N ALA A 124 -11.88 1.40 5.31
CA ALA A 124 -12.79 0.91 6.34
C ALA A 124 -13.65 2.08 6.80
N LYS A 125 -14.96 1.91 6.68
CA LYS A 125 -15.91 2.99 6.95
C LYS A 125 -15.61 4.25 6.14
N GLY A 126 -15.31 4.06 4.86
CA GLY A 126 -15.09 5.17 3.95
C GLY A 126 -13.78 5.91 4.15
N ALA A 127 -12.94 5.40 5.05
CA ALA A 127 -11.65 6.01 5.33
C ALA A 127 -10.53 5.06 4.96
N PRO A 128 -9.42 5.60 4.42
CA PRO A 128 -8.30 4.73 4.06
C PRO A 128 -7.65 4.12 5.29
N VAL A 129 -7.32 2.83 5.22
CA VAL A 129 -6.67 2.13 6.31
C VAL A 129 -5.37 1.49 5.85
N ALA A 130 -5.28 1.23 4.54
CA ALA A 130 -4.09 0.62 3.98
C ALA A 130 -3.96 0.95 2.51
N GLY A 131 -2.72 0.85 2.03
CA GLY A 131 -2.44 0.90 0.61
C GLY A 131 -1.73 -0.38 0.22
N ILE A 132 -2.06 -0.90 -0.96
CA ILE A 132 -1.39 -2.09 -1.47
C ILE A 132 -0.60 -1.68 -2.71
N GLY A 133 0.71 -1.90 -2.65
CA GLY A 133 1.61 -1.49 -3.71
C GLY A 133 2.28 -2.66 -4.39
N VAL A 134 2.42 -2.56 -5.71
CA VAL A 134 3.07 -3.59 -6.51
C VAL A 134 4.02 -2.93 -7.50
N ALA A 135 5.13 -3.60 -7.77
CA ALA A 135 6.13 -3.11 -8.72
C ALA A 135 6.88 -4.29 -9.30
N GLY A 136 7.26 -4.18 -10.56
CA GLY A 136 8.04 -5.22 -11.23
C GLY A 136 7.53 -5.61 -12.59
N ALA A 137 6.23 -5.44 -12.82
CA ALA A 137 5.64 -5.78 -14.12
C ALA A 137 6.09 -4.77 -15.17
N PRO A 138 5.92 -5.11 -16.46
CA PRO A 138 6.35 -4.23 -17.55
C PRO A 138 5.75 -2.83 -17.49
N SER A 139 4.69 -2.65 -16.71
CA SER A 139 4.05 -1.35 -16.56
C SER A 139 3.36 -1.23 -15.22
N GLY A 140 3.17 0.01 -14.77
CA GLY A 140 2.50 0.28 -13.51
C GLY A 140 1.02 -0.07 -13.53
N ASP A 141 0.39 0.05 -14.70
CA ASP A 141 -1.02 -0.30 -14.83
C ASP A 141 -1.22 -1.78 -14.57
N LEU A 142 -0.25 -2.59 -15.02
CA LEU A 142 -0.29 -4.02 -14.77
C LEU A 142 0.02 -4.33 -13.31
N ASP A 143 0.97 -3.60 -12.74
CA ASP A 143 1.24 -3.68 -11.30
C ASP A 143 -0.05 -3.47 -10.54
N GLU A 144 -0.83 -2.48 -10.97
CA GLU A 144 -2.02 -2.08 -10.25
C GLU A 144 -3.11 -3.15 -10.36
N GLN A 145 -3.20 -3.80 -11.51
CA GLN A 145 -4.14 -4.90 -11.70
C GLN A 145 -3.93 -5.96 -10.61
N TYR A 146 -2.67 -6.26 -10.33
CA TYR A 146 -2.34 -7.25 -9.31
C TYR A 146 -2.59 -6.72 -7.90
N ALA A 147 -2.40 -5.42 -7.72
CA ALA A 147 -2.71 -4.80 -6.43
C ALA A 147 -4.21 -4.85 -6.16
N ARG A 148 -5.01 -4.69 -7.23
N ARG A 148 -5.00 -4.69 -7.22
CA ARG A 148 -6.45 -4.79 -7.12
CA ARG A 148 -6.45 -4.80 -7.11
C ARG A 148 -6.86 -6.22 -6.78
C ARG A 148 -6.85 -6.22 -6.76
N ALA A 149 -6.17 -7.18 -7.37
CA ALA A 149 -6.43 -8.58 -7.10
C ALA A 149 -6.12 -8.86 -5.64
N GLY A 150 -5.08 -8.19 -5.14
CA GLY A 150 -4.73 -8.27 -3.72
C GLY A 150 -5.84 -7.70 -2.86
N ALA A 151 -6.34 -6.54 -3.24
CA ALA A 151 -7.43 -5.91 -2.49
C ALA A 151 -8.71 -6.73 -2.56
N ALA A 152 -8.89 -7.46 -3.65
CA ALA A 152 -10.18 -8.10 -3.93
C ALA A 152 -10.50 -9.30 -3.04
N VAL A 153 -9.48 -9.90 -2.43
CA VAL A 153 -9.74 -11.01 -1.51
C VAL A 153 -10.24 -10.51 -0.16
N LEU A 154 -10.04 -9.21 0.09
CA LEU A 154 -10.57 -8.58 1.29
C LEU A 154 -12.04 -8.24 1.05
N GLY A 155 -12.82 -8.21 2.13
CA GLY A 155 -14.26 -8.07 2.00
C GLY A 155 -14.91 -9.44 1.97
N HIS A 156 -16.09 -9.60 1.36
CA HIS A 156 -16.84 -8.52 0.71
C HIS A 156 -18.29 -8.55 1.21
#